data_7JHX
#
_entry.id   7JHX
#
_cell.length_a   122.954
_cell.length_b   33.082
_cell.length_c   78.858
_cell.angle_alpha   90.000
_cell.angle_beta   114.280
_cell.angle_gamma   90.000
#
_symmetry.space_group_name_H-M   'C 1 2 1'
#
loop_
_entity.id
_entity.type
_entity.pdbx_description
1 polymer 'Gamma-aminobutyric acid receptor-associated protein-like 1'
2 polymer 'Ectopic P granules protein 5 homolog'
3 non-polymer 'SULFATE ION'
4 water water
#
loop_
_entity_poly.entity_id
_entity_poly.type
_entity_poly.pdbx_seq_one_letter_code
_entity_poly.pdbx_strand_id
1 'polypeptide(L)'
;GPLGSMKFQYKEDHPFEYRKKEGEKIRKKYPDRVPVIVEKAPKARVPDLDKRKYLVPSDLTVGQFYFLIRKRIHLRPEDA
LFFFVNNTIPPTSATMGQLYEDNHEEDYFLYVAYSDESVYGK
;
A,B
2 'polypeptide(L)' DEDPETSWILLN C,D
#
# COMPACT_ATOMS: atom_id res chain seq x y z
N MET A 6 -12.31 13.25 -6.32
CA MET A 6 -12.00 13.09 -4.86
C MET A 6 -12.63 14.21 -4.05
N LYS A 7 -13.82 14.04 -3.49
CA LYS A 7 -14.43 15.08 -2.67
C LYS A 7 -13.90 15.03 -1.24
N PHE A 8 -13.70 16.20 -0.63
CA PHE A 8 -13.33 16.29 0.78
C PHE A 8 -14.43 17.06 1.50
N GLN A 9 -14.94 16.47 2.55
CA GLN A 9 -15.98 17.09 3.39
C GLN A 9 -15.50 18.46 3.85
N TYR A 10 -14.19 18.59 4.08
CA TYR A 10 -13.62 19.89 4.52
C TYR A 10 -13.94 20.99 3.49
N LYS A 11 -13.84 20.68 2.19
CA LYS A 11 -14.11 21.63 1.12
C LYS A 11 -15.60 21.85 0.94
N GLU A 12 -16.40 20.80 1.10
CA GLU A 12 -17.84 20.96 1.05
C GLU A 12 -18.36 21.78 2.23
N ASP A 13 -17.66 21.74 3.35
CA ASP A 13 -18.09 22.42 4.54
C ASP A 13 -17.70 23.89 4.53
N HIS A 14 -16.71 24.26 3.70
CA HIS A 14 -16.14 25.62 3.80
C HIS A 14 -15.74 26.20 2.45
N PRO A 15 -16.02 27.50 2.18
CA PRO A 15 -15.62 28.11 0.94
C PRO A 15 -14.10 28.29 0.82
N PHE A 16 -13.67 28.51 -0.40
CA PHE A 16 -12.24 28.63 -0.64
C PHE A 16 -11.60 29.70 0.26
N GLU A 17 -12.23 30.87 0.36
CA GLU A 17 -11.63 31.97 1.13
C GLU A 17 -11.44 31.60 2.61
N TYR A 18 -12.46 30.99 3.22
CA TYR A 18 -12.33 30.47 4.58
C TYR A 18 -11.14 29.53 4.69
N ARG A 19 -11.02 28.58 3.77
CA ARG A 19 -9.95 27.57 3.86
C ARG A 19 -8.59 28.24 3.72
N LYS A 20 -8.43 29.13 2.74
CA LYS A 20 -7.13 29.77 2.52
C LYS A 20 -6.74 30.62 3.72
N LYS A 21 -7.69 31.35 4.32
CA LYS A 21 -7.36 32.12 5.52
C LYS A 21 -6.89 31.22 6.65
N GLU A 22 -7.58 30.09 6.86
CA GLU A 22 -7.09 29.14 7.87
C GLU A 22 -5.73 28.52 7.50
N GLY A 23 -5.51 28.27 6.21
CA GLY A 23 -4.24 27.67 5.76
C GLY A 23 -3.04 28.58 5.95
N GLU A 24 -3.18 29.87 5.61
CA GLU A 24 -2.10 30.83 5.78
C GLU A 24 -1.85 31.10 7.26
N LYS A 25 -2.93 31.26 8.05
CA LYS A 25 -2.74 31.41 9.49
C LYS A 25 -1.94 30.24 10.06
N ILE A 26 -2.35 29.01 9.78
CA ILE A 26 -1.69 27.93 10.48
C ILE A 26 -0.27 27.72 9.93
N ARG A 27 -0.03 28.08 8.66
CA ARG A 27 1.33 27.97 8.12
C ARG A 27 2.26 29.02 8.72
N LYS A 28 1.71 30.15 9.16
CA LYS A 28 2.53 31.12 9.86
C LYS A 28 2.72 30.77 11.35
N LYS A 29 1.69 30.23 12.01
CA LYS A 29 1.79 29.90 13.42
C LYS A 29 2.76 28.74 13.69
N TYR A 30 2.79 27.73 12.81
CA TYR A 30 3.66 26.54 12.95
C TYR A 30 4.45 26.34 11.66
N PRO A 31 5.56 27.06 11.45
CA PRO A 31 6.30 26.99 10.17
C PRO A 31 6.99 25.65 9.90
N ASP A 32 7.32 24.90 10.95
CA ASP A 32 7.94 23.59 10.84
C ASP A 32 6.92 22.49 10.61
N ARG A 33 5.67 22.83 10.35
CA ARG A 33 4.63 21.83 10.22
C ARG A 33 3.85 22.11 8.95
N VAL A 34 3.19 21.09 8.43
CA VAL A 34 2.31 21.30 7.29
C VAL A 34 0.90 20.87 7.67
N PRO A 35 -0.09 21.65 7.27
CA PRO A 35 -1.49 21.31 7.53
C PRO A 35 -2.01 20.35 6.47
N VAL A 36 -2.65 19.29 6.92
CA VAL A 36 -3.08 18.18 6.09
C VAL A 36 -4.52 17.87 6.45
N ILE A 37 -5.39 17.86 5.46
CA ILE A 37 -6.73 17.32 5.62
C ILE A 37 -6.68 15.84 5.30
N VAL A 38 -7.18 14.99 6.20
CA VAL A 38 -7.15 13.54 6.03
C VAL A 38 -8.57 13.01 6.18
N GLU A 39 -9.10 12.40 5.13
CA GLU A 39 -10.45 11.85 5.15
C GLU A 39 -10.44 10.48 4.50
N LYS A 40 -11.43 9.67 4.87
CA LYS A 40 -11.65 8.36 4.26
C LYS A 40 -12.16 8.52 2.84
N ALA A 41 -11.60 7.75 1.92
CA ALA A 41 -12.08 7.77 0.55
C ALA A 41 -13.49 7.16 0.46
N PRO A 42 -14.29 7.57 -0.52
CA PRO A 42 -15.61 6.95 -0.70
C PRO A 42 -15.49 5.46 -1.04
N LYS A 43 -16.48 4.70 -0.56
CA LYS A 43 -16.55 3.23 -0.68
C LYS A 43 -15.41 2.51 0.02
N ALA A 44 -14.66 3.17 0.90
CA ALA A 44 -13.52 2.53 1.54
C ALA A 44 -13.98 1.70 2.73
N ARG A 45 -13.37 0.53 2.89
CA ARG A 45 -13.70 -0.42 3.94
C ARG A 45 -12.63 -0.36 5.02
N VAL A 46 -12.60 0.78 5.70
CA VAL A 46 -11.63 1.11 6.75
C VAL A 46 -12.37 1.91 7.81
N PRO A 47 -11.83 1.98 9.02
CA PRO A 47 -12.45 2.83 10.05
C PRO A 47 -12.39 4.30 9.66
N ASP A 48 -13.30 5.06 10.24
CA ASP A 48 -13.28 6.47 9.93
C ASP A 48 -12.41 7.22 10.94
N LEU A 49 -11.94 8.39 10.54
CA LEU A 49 -11.14 9.26 11.41
C LEU A 49 -12.10 10.33 11.89
N ASP A 50 -12.27 10.46 13.21
CA ASP A 50 -13.11 11.52 13.76
C ASP A 50 -12.63 12.90 13.32
N LYS A 51 -11.34 13.15 13.42
CA LYS A 51 -10.70 14.42 13.14
C LYS A 51 -10.08 14.40 11.75
N ARG A 52 -10.20 15.51 11.02
CA ARG A 52 -9.64 15.57 9.69
C ARG A 52 -8.48 16.56 9.54
N LYS A 53 -8.25 17.45 10.51
CA LYS A 53 -7.21 18.47 10.39
C LYS A 53 -5.99 18.03 11.18
N TYR A 54 -4.84 17.90 10.51
CA TYR A 54 -3.62 17.45 11.16
C TYR A 54 -2.49 18.39 10.83
N LEU A 55 -1.73 18.77 11.86
CA LEU A 55 -0.46 19.46 11.66
C LEU A 55 0.70 18.48 11.81
N VAL A 56 1.44 18.26 10.73
CA VAL A 56 2.42 17.17 10.63
C VAL A 56 3.81 17.77 10.49
N PRO A 57 4.81 17.28 11.23
CA PRO A 57 6.16 17.84 11.07
C PRO A 57 6.65 17.70 9.64
N SER A 58 7.37 18.74 9.17
CA SER A 58 7.79 18.74 7.77
C SER A 58 8.84 17.67 7.49
N ASP A 59 9.66 17.31 8.46
CA ASP A 59 10.70 16.33 8.17
C ASP A 59 10.24 14.89 8.43
N LEU A 60 8.99 14.71 8.82
CA LEU A 60 8.42 13.37 8.88
C LEU A 60 8.35 12.78 7.48
N THR A 61 8.75 11.51 7.36
CA THR A 61 8.56 10.79 6.11
C THR A 61 7.09 10.49 5.91
N VAL A 62 6.73 10.35 4.63
CA VAL A 62 5.38 9.96 4.28
C VAL A 62 5.04 8.61 4.90
N GLY A 63 5.99 7.67 4.91
CA GLY A 63 5.75 6.37 5.54
C GLY A 63 5.45 6.45 7.02
N GLN A 64 6.16 7.34 7.73
CA GLN A 64 5.87 7.49 9.16
C GLN A 64 4.51 8.16 9.37
N PHE A 65 4.15 9.08 8.49
CA PHE A 65 2.81 9.66 8.52
C PHE A 65 1.73 8.60 8.29
N TYR A 66 1.99 7.67 7.36
CA TYR A 66 1.12 6.52 7.14
C TYR A 66 0.89 5.78 8.45
N PHE A 67 1.98 5.49 9.17
CA PHE A 67 1.89 4.77 10.42
C PHE A 67 1.06 5.51 11.45
N LEU A 68 1.26 6.84 11.55
CA LEU A 68 0.50 7.61 12.54
C LEU A 68 -1.00 7.54 12.26
N ILE A 69 -1.38 7.71 11.00
CA ILE A 69 -2.82 7.64 10.67
C ILE A 69 -3.32 6.21 10.90
N ARG A 70 -2.54 5.23 10.49
CA ARG A 70 -2.89 3.81 10.69
C ARG A 70 -3.19 3.54 12.18
N LYS A 71 -2.38 4.07 13.10
CA LYS A 71 -2.66 3.87 14.50
C LYS A 71 -3.92 4.60 14.96
N ARG A 72 -4.26 5.75 14.34
CA ARG A 72 -5.47 6.51 14.71
C ARG A 72 -6.74 5.73 14.31
N ILE A 73 -6.66 4.95 13.25
CA ILE A 73 -7.83 4.17 12.88
C ILE A 73 -7.73 2.72 13.37
N HIS A 74 -6.80 2.44 14.29
CA HIS A 74 -6.74 1.16 15.01
C HIS A 74 -6.51 -0.02 14.07
N LEU A 75 -5.67 0.18 13.08
CA LEU A 75 -5.27 -0.90 12.19
C LEU A 75 -3.85 -1.32 12.52
N ARG A 76 -3.53 -2.57 12.15
CA ARG A 76 -2.19 -3.09 12.28
C ARG A 76 -1.43 -2.90 10.99
N PRO A 77 -0.09 -2.95 11.06
CA PRO A 77 0.70 -2.85 9.82
C PRO A 77 0.26 -3.87 8.77
N GLU A 78 -0.25 -5.03 9.21
CA GLU A 78 -0.64 -6.08 8.26
C GLU A 78 -1.92 -5.77 7.49
N ASP A 79 -2.68 -4.74 7.90
CA ASP A 79 -3.94 -4.39 7.24
C ASP A 79 -3.68 -3.61 5.96
N ALA A 80 -4.37 -3.97 4.89
CA ALA A 80 -4.30 -3.20 3.66
C ALA A 80 -4.77 -1.77 3.93
N LEU A 81 -3.94 -0.79 3.54
CA LEU A 81 -4.21 0.62 3.78
C LEU A 81 -3.40 1.43 2.77
N PHE A 82 -4.07 2.30 2.01
CA PHE A 82 -3.46 3.07 0.94
C PHE A 82 -3.86 4.53 1.11
N PHE A 83 -2.96 5.43 0.71
CA PHE A 83 -3.17 6.86 0.86
C PHE A 83 -3.02 7.52 -0.51
N PHE A 84 -3.82 8.57 -0.73
CA PHE A 84 -3.90 9.22 -2.02
C PHE A 84 -3.75 10.73 -1.86
N VAL A 85 -2.95 11.31 -2.75
CA VAL A 85 -2.86 12.74 -2.98
C VAL A 85 -3.07 12.95 -4.47
N ASN A 86 -4.05 13.77 -4.82
CA ASN A 86 -4.38 14.03 -6.21
C ASN A 86 -4.52 12.72 -7.00
N ASN A 87 -5.18 11.73 -6.38
CA ASN A 87 -5.54 10.42 -6.91
C ASN A 87 -4.36 9.49 -7.18
N THR A 88 -3.16 9.82 -6.71
CA THR A 88 -2.04 8.92 -6.84
C THR A 88 -1.46 8.67 -5.46
N ILE A 89 -0.88 7.49 -5.29
CA ILE A 89 -0.25 7.16 -4.01
C ILE A 89 1.11 7.84 -3.96
N PRO A 90 1.41 8.58 -2.88
CA PRO A 90 2.69 9.33 -2.77
C PRO A 90 3.88 8.40 -2.58
N PRO A 91 5.10 8.87 -2.86
CA PRO A 91 6.29 8.04 -2.59
C PRO A 91 6.56 7.97 -1.09
N THR A 92 6.89 6.75 -0.62
CA THR A 92 7.03 6.50 0.82
C THR A 92 8.17 7.32 1.44
N SER A 93 9.26 7.50 0.71
CA SER A 93 10.49 8.08 1.23
C SER A 93 10.50 9.60 1.10
N ALA A 94 9.45 10.18 0.53
CA ALA A 94 9.37 11.62 0.51
C ALA A 94 9.14 12.14 1.93
N THR A 95 9.52 13.39 2.15
CA THR A 95 9.13 13.99 3.41
C THR A 95 7.77 14.66 3.26
N MET A 96 7.06 14.80 4.38
CA MET A 96 5.79 15.51 4.35
C MET A 96 5.98 16.96 3.90
N GLY A 97 7.14 17.56 4.13
CA GLY A 97 7.35 18.93 3.64
C GLY A 97 7.39 18.96 2.12
N GLN A 98 8.10 17.97 1.55
CA GLN A 98 8.23 17.87 0.09
C GLN A 98 6.84 17.60 -0.51
N LEU A 99 6.11 16.64 0.02
CA LEU A 99 4.77 16.35 -0.51
C LEU A 99 3.88 17.61 -0.47
N TYR A 100 3.92 18.32 0.64
CA TYR A 100 3.18 19.58 0.86
C TYR A 100 3.58 20.60 -0.21
N GLU A 101 4.90 20.87 -0.32
CA GLU A 101 5.38 21.82 -1.31
C GLU A 101 4.95 21.42 -2.71
N ASP A 102 4.97 20.12 -3.02
CA ASP A 102 4.64 19.66 -4.37
C ASP A 102 3.13 19.59 -4.63
N ASN A 103 2.30 19.44 -3.59
CA ASN A 103 0.88 19.14 -3.84
C ASN A 103 -0.11 20.02 -3.11
N HIS A 104 0.31 20.93 -2.27
CA HIS A 104 -0.68 21.72 -1.54
C HIS A 104 -1.53 22.52 -2.54
N GLU A 105 -2.81 22.70 -2.19
CA GLU A 105 -3.75 23.46 -3.02
C GLU A 105 -3.62 24.94 -2.72
N GLU A 106 -4.37 25.77 -3.48
CA GLU A 106 -4.28 27.22 -3.28
C GLU A 106 -4.75 27.68 -1.91
N ASP A 107 -5.45 26.84 -1.14
CA ASP A 107 -5.83 27.23 0.22
C ASP A 107 -4.76 26.84 1.23
N TYR A 108 -3.57 26.50 0.76
CA TYR A 108 -2.42 26.10 1.61
C TYR A 108 -2.61 24.76 2.37
N PHE A 109 -3.56 23.94 1.98
CA PHE A 109 -3.70 22.62 2.65
C PHE A 109 -3.25 21.52 1.69
N LEU A 110 -2.72 20.46 2.30
CA LEU A 110 -2.44 19.21 1.59
C LEU A 110 -3.65 18.34 1.91
N TYR A 111 -4.21 17.71 0.90
CA TYR A 111 -5.41 16.87 1.05
C TYR A 111 -5.02 15.41 0.80
N VAL A 112 -5.28 14.56 1.79
CA VAL A 112 -4.94 13.15 1.71
C VAL A 112 -6.21 12.33 1.96
N ALA A 113 -6.44 11.32 1.12
CA ALA A 113 -7.54 10.38 1.34
C ALA A 113 -6.93 9.00 1.61
N TYR A 114 -7.65 8.14 2.32
CA TYR A 114 -7.14 6.81 2.61
C TYR A 114 -8.21 5.78 2.32
N SER A 115 -7.77 4.57 1.96
CA SER A 115 -8.69 3.52 1.57
C SER A 115 -8.05 2.16 1.85
N ASP A 116 -8.85 1.13 1.75
CA ASP A 116 -8.33 -0.23 1.81
C ASP A 116 -7.94 -0.75 0.43
N GLU A 117 -8.30 -0.03 -0.63
CA GLU A 117 -8.03 -0.40 -2.01
C GLU A 117 -6.97 0.52 -2.60
N SER A 118 -6.18 0.00 -3.52
CA SER A 118 -5.11 0.79 -4.11
C SER A 118 -5.60 1.83 -5.11
N VAL A 119 -6.86 1.77 -5.53
CA VAL A 119 -7.40 2.76 -6.46
C VAL A 119 -8.45 3.57 -5.70
N TYR A 120 -8.26 4.89 -5.66
CA TYR A 120 -9.19 5.78 -4.98
C TYR A 120 -10.60 5.54 -5.51
N GLY A 121 -11.54 5.39 -4.59
CA GLY A 121 -12.92 5.26 -4.98
C GLY A 121 -13.37 3.85 -5.28
N LYS A 122 -12.45 2.89 -5.39
CA LYS A 122 -12.85 1.49 -5.58
C LYS A 122 -13.13 0.87 -4.21
N LYS B 7 11.57 -8.56 -13.18
CA LYS B 7 12.61 -9.58 -12.97
C LYS B 7 12.57 -10.32 -11.62
N PHE B 8 12.77 -11.63 -11.70
CA PHE B 8 12.62 -12.54 -10.53
C PHE B 8 13.75 -13.54 -10.47
N GLN B 9 14.30 -13.80 -9.30
CA GLN B 9 15.40 -14.78 -9.20
C GLN B 9 14.90 -16.18 -9.56
N TYR B 10 13.64 -16.48 -9.25
CA TYR B 10 13.11 -17.82 -9.59
C TYR B 10 13.31 -18.07 -11.08
N LYS B 11 13.12 -17.05 -11.92
CA LYS B 11 13.24 -17.25 -13.35
C LYS B 11 14.69 -17.17 -13.80
N GLU B 12 15.52 -16.44 -13.10
CA GLU B 12 16.96 -16.49 -13.41
C GLU B 12 17.56 -17.84 -13.03
N ASP B 13 17.00 -18.50 -12.03
CA ASP B 13 17.57 -19.72 -11.46
C ASP B 13 17.09 -20.97 -12.20
N HIS B 14 15.96 -20.90 -12.87
CA HIS B 14 15.35 -22.06 -13.52
C HIS B 14 14.85 -21.69 -14.90
N PRO B 15 15.06 -22.56 -15.90
CA PRO B 15 14.52 -22.31 -17.22
C PRO B 15 13.02 -22.59 -17.27
N PHE B 16 12.40 -22.17 -18.38
CA PHE B 16 10.95 -22.18 -18.49
C PHE B 16 10.38 -23.58 -18.33
N GLU B 17 10.95 -24.57 -19.04
CA GLU B 17 10.40 -25.91 -18.97
C GLU B 17 10.40 -26.44 -17.54
N TYR B 18 11.47 -26.19 -16.79
CA TYR B 18 11.51 -26.59 -15.38
C TYR B 18 10.38 -25.94 -14.60
N ARG B 19 10.19 -24.63 -14.79
CA ARG B 19 9.15 -23.91 -14.09
C ARG B 19 7.77 -24.47 -14.41
N LYS B 20 7.49 -24.62 -15.71
CA LYS B 20 6.18 -25.09 -16.12
C LYS B 20 5.89 -26.50 -15.59
N LYS B 21 6.93 -27.37 -15.56
CA LYS B 21 6.74 -28.69 -14.96
C LYS B 21 6.35 -28.55 -13.50
N GLU B 22 7.08 -27.72 -12.76
CA GLU B 22 6.79 -27.50 -11.35
C GLU B 22 5.35 -26.98 -11.14
N GLY B 23 4.98 -25.94 -11.88
CA GLY B 23 3.67 -25.32 -11.71
C GLY B 23 2.53 -26.27 -12.03
N GLU B 24 2.66 -27.00 -13.15
CA GLU B 24 1.70 -28.02 -13.52
C GLU B 24 1.54 -29.08 -12.42
N LYS B 25 2.67 -29.56 -11.88
CA LYS B 25 2.62 -30.59 -10.85
C LYS B 25 1.89 -30.08 -9.61
N ILE B 26 2.24 -28.87 -9.17
CA ILE B 26 1.71 -28.31 -7.91
C ILE B 26 0.24 -27.94 -8.03
N ARG B 27 -0.24 -27.58 -9.23
CA ARG B 27 -1.67 -27.19 -9.41
C ARG B 27 -2.52 -28.45 -9.32
N LYS B 28 -1.98 -29.56 -9.89
CA LYS B 28 -2.69 -30.83 -9.78
C LYS B 28 -2.61 -31.38 -8.36
N LYS B 29 -1.52 -31.12 -7.64
CA LYS B 29 -1.42 -31.69 -6.29
C LYS B 29 -2.28 -30.95 -5.26
N TYR B 30 -2.44 -29.64 -5.41
CA TYR B 30 -3.24 -28.79 -4.54
C TYR B 30 -4.18 -27.96 -5.43
N PRO B 31 -5.27 -28.57 -5.91
CA PRO B 31 -6.18 -27.81 -6.79
C PRO B 31 -6.86 -26.62 -6.12
N ASP B 32 -6.97 -26.62 -4.79
CA ASP B 32 -7.59 -25.52 -4.07
C ASP B 32 -6.58 -24.45 -3.65
N ARG B 33 -5.34 -24.50 -4.17
CA ARG B 33 -4.31 -23.51 -3.89
C ARG B 33 -3.72 -23.02 -5.21
N VAL B 34 -3.13 -21.84 -5.18
CA VAL B 34 -2.46 -21.26 -6.33
C VAL B 34 -0.99 -21.04 -5.98
N PRO B 35 -0.04 -21.43 -6.84
CA PRO B 35 1.37 -21.21 -6.53
C PRO B 35 1.80 -19.79 -6.89
N VAL B 36 2.44 -19.12 -5.93
CA VAL B 36 2.80 -17.72 -6.06
C VAL B 36 4.29 -17.55 -5.75
N ILE B 37 5.01 -16.91 -6.66
CA ILE B 37 6.39 -16.50 -6.41
C ILE B 37 6.37 -15.08 -5.85
N VAL B 38 6.99 -14.90 -4.69
CA VAL B 38 6.99 -13.61 -4.00
C VAL B 38 8.44 -13.18 -3.80
N GLU B 39 8.80 -12.05 -4.42
CA GLU B 39 10.17 -11.57 -4.39
C GLU B 39 10.16 -10.05 -4.37
N LYS B 40 11.26 -9.48 -3.87
CA LYS B 40 11.42 -8.05 -3.74
C LYS B 40 11.70 -7.43 -5.10
N ALA B 41 11.15 -6.24 -5.29
CA ALA B 41 11.36 -5.51 -6.54
C ALA B 41 12.77 -4.92 -6.58
N PRO B 42 13.21 -4.45 -7.77
CA PRO B 42 14.47 -3.75 -7.96
C PRO B 42 14.40 -2.43 -7.21
N LYS B 43 15.51 -2.07 -6.53
CA LYS B 43 15.72 -0.91 -5.67
C LYS B 43 14.86 -0.92 -4.40
N ALA B 44 14.25 -2.04 -4.05
CA ALA B 44 13.32 -2.12 -2.91
C ALA B 44 14.11 -2.20 -1.62
N ARG B 45 13.75 -1.33 -0.70
CA ARG B 45 14.40 -1.34 0.63
C ARG B 45 13.59 -2.25 1.56
N VAL B 46 13.57 -3.53 1.18
CA VAL B 46 12.97 -4.56 2.03
C VAL B 46 13.76 -5.84 1.87
N PRO B 47 13.75 -6.66 2.92
CA PRO B 47 14.51 -7.91 2.86
C PRO B 47 13.81 -8.96 2.01
N ASP B 48 14.59 -9.98 1.61
CA ASP B 48 14.00 -11.16 1.00
C ASP B 48 13.17 -11.88 2.04
N LEU B 49 12.14 -12.58 1.58
CA LEU B 49 11.42 -13.43 2.54
C LEU B 49 12.26 -14.70 2.83
N ASP B 50 11.85 -15.45 3.85
CA ASP B 50 12.50 -16.70 4.16
C ASP B 50 12.41 -17.68 2.99
N LYS B 51 11.31 -17.65 2.25
CA LYS B 51 11.14 -18.49 1.07
C LYS B 51 10.36 -17.69 0.04
N ARG B 52 10.47 -18.08 -1.25
CA ARG B 52 9.83 -17.34 -2.31
C ARG B 52 8.64 -18.04 -2.94
N LYS B 53 8.40 -19.31 -2.59
CA LYS B 53 7.35 -20.09 -3.20
C LYS B 53 6.24 -20.28 -2.18
N TYR B 54 5.01 -19.88 -2.54
CA TYR B 54 3.87 -19.92 -1.63
C TYR B 54 2.69 -20.62 -2.29
N LEU B 55 2.01 -21.46 -1.53
CA LEU B 55 0.79 -22.12 -1.97
C LEU B 55 -0.35 -21.49 -1.19
N VAL B 56 -1.08 -20.60 -1.85
CA VAL B 56 -2.08 -19.75 -1.20
C VAL B 56 -3.47 -20.32 -1.51
N PRO B 57 -4.34 -20.46 -0.52
CA PRO B 57 -5.70 -20.92 -0.81
C PRO B 57 -6.40 -19.97 -1.77
N SER B 58 -7.05 -20.55 -2.79
CA SER B 58 -7.62 -19.76 -3.87
C SER B 58 -8.73 -18.81 -3.40
N ASP B 59 -9.37 -19.11 -2.30
CA ASP B 59 -10.47 -18.25 -1.84
C ASP B 59 -9.98 -17.21 -0.84
N LEU B 60 -8.67 -17.10 -0.61
CA LEU B 60 -8.13 -15.95 0.10
C LEU B 60 -8.21 -14.71 -0.76
N THR B 61 -8.53 -13.57 -0.16
CA THR B 61 -8.44 -12.31 -0.88
C THR B 61 -6.99 -11.83 -0.92
N VAL B 62 -6.72 -10.91 -1.85
CA VAL B 62 -5.41 -10.27 -1.89
C VAL B 62 -5.09 -9.61 -0.56
N GLY B 63 -6.12 -9.02 0.08
CA GLY B 63 -5.89 -8.39 1.37
C GLY B 63 -5.48 -9.38 2.45
N GLN B 64 -6.13 -10.55 2.47
CA GLN B 64 -5.74 -11.60 3.41
C GLN B 64 -4.35 -12.12 3.11
N PHE B 65 -4.04 -12.37 1.84
CA PHE B 65 -2.71 -12.81 1.45
C PHE B 65 -1.66 -11.78 1.85
N TYR B 66 -1.93 -10.50 1.61
CA TYR B 66 -1.01 -9.44 2.04
C TYR B 66 -0.82 -9.46 3.55
N PHE B 67 -1.91 -9.61 4.30
CA PHE B 67 -1.84 -9.68 5.75
C PHE B 67 -0.85 -10.74 6.21
N LEU B 68 -0.92 -11.93 5.60
CA LEU B 68 -0.07 -13.04 6.03
C LEU B 68 1.39 -12.81 5.64
N ILE B 69 1.64 -12.23 4.48
CA ILE B 69 3.02 -11.94 4.08
C ILE B 69 3.60 -10.81 4.93
N ARG B 70 2.83 -9.74 5.12
CA ARG B 70 3.31 -8.63 5.93
C ARG B 70 3.60 -9.07 7.37
N LYS B 71 2.83 -10.03 7.90
CA LYS B 71 3.11 -10.56 9.23
C LYS B 71 4.44 -11.33 9.30
N ARG B 72 4.85 -11.95 8.19
CA ARG B 72 6.07 -12.76 8.17
C ARG B 72 7.32 -11.92 7.93
N ILE B 73 7.28 -11.03 6.94
CA ILE B 73 8.45 -10.31 6.45
C ILE B 73 9.16 -9.59 7.60
N HIS B 74 10.49 -9.52 7.52
CA HIS B 74 11.29 -8.94 8.59
C HIS B 74 11.35 -7.42 8.41
N LEU B 75 10.25 -6.77 8.81
CA LEU B 75 10.15 -5.32 8.74
C LEU B 75 9.74 -4.79 10.12
N ARG B 76 10.04 -3.53 10.34
CA ARG B 76 9.52 -2.86 11.52
C ARG B 76 8.08 -2.42 11.26
N PRO B 77 7.29 -2.24 12.32
CA PRO B 77 5.87 -1.93 12.12
C PRO B 77 5.63 -0.67 11.29
N GLU B 78 6.53 0.30 11.32
CA GLU B 78 6.36 1.54 10.56
C GLU B 78 6.65 1.38 9.07
N ASP B 79 7.34 0.32 8.70
CA ASP B 79 7.78 0.14 7.31
C ASP B 79 6.61 -0.16 6.40
N ALA B 80 6.63 0.43 5.20
CA ALA B 80 5.59 0.23 4.21
C ALA B 80 5.90 -0.99 3.35
N LEU B 81 4.84 -1.60 2.81
CA LEU B 81 4.98 -2.75 1.94
C LEU B 81 3.86 -2.72 0.91
N PHE B 82 4.23 -2.74 -0.38
CA PHE B 82 3.28 -2.76 -1.47
C PHE B 82 3.51 -3.99 -2.35
N PHE B 83 2.43 -4.54 -2.88
CA PHE B 83 2.48 -5.66 -3.80
C PHE B 83 2.31 -5.18 -5.24
N PHE B 84 2.95 -5.88 -6.17
CA PHE B 84 2.81 -5.59 -7.59
C PHE B 84 2.63 -6.90 -8.36
N VAL B 85 1.65 -6.91 -9.26
CA VAL B 85 1.50 -7.96 -10.25
C VAL B 85 1.48 -7.29 -11.62
N ASN B 86 2.41 -7.69 -12.49
CA ASN B 86 2.62 -7.02 -13.77
C ASN B 86 2.80 -5.51 -13.55
N ASN B 87 3.56 -5.16 -12.53
CA ASN B 87 3.92 -3.78 -12.18
C ASN B 87 2.74 -2.95 -11.70
N THR B 88 1.63 -3.59 -11.34
CA THR B 88 0.44 -2.90 -10.86
C THR B 88 0.01 -3.51 -9.53
N ILE B 89 -0.30 -2.63 -8.57
CA ILE B 89 -0.81 -3.08 -7.27
C ILE B 89 -2.12 -3.81 -7.48
N PRO B 90 -2.25 -5.05 -7.02
CA PRO B 90 -3.50 -5.80 -7.21
C PRO B 90 -4.57 -5.30 -6.26
N PRO B 91 -5.84 -5.41 -6.66
CA PRO B 91 -6.92 -4.93 -5.79
C PRO B 91 -7.09 -5.79 -4.55
N THR B 92 -7.42 -5.13 -3.44
CA THR B 92 -7.49 -5.82 -2.15
C THR B 92 -8.61 -6.85 -2.12
N SER B 93 -9.75 -6.51 -2.70
CA SER B 93 -10.95 -7.35 -2.62
C SER B 93 -10.92 -8.56 -3.54
N ALA B 94 -10.01 -8.60 -4.51
CA ALA B 94 -9.94 -9.72 -5.43
C ALA B 94 -9.50 -10.98 -4.69
N THR B 95 -10.06 -12.11 -5.08
CA THR B 95 -9.61 -13.41 -4.59
C THR B 95 -8.29 -13.80 -5.24
N MET B 96 -7.47 -14.54 -4.51
CA MET B 96 -6.19 -14.98 -5.08
C MET B 96 -6.41 -15.93 -6.25
N GLY B 97 -7.48 -16.71 -6.23
CA GLY B 97 -7.79 -17.56 -7.36
C GLY B 97 -8.09 -16.77 -8.61
N GLN B 98 -8.86 -15.68 -8.48
CA GLN B 98 -9.18 -14.86 -9.65
C GLN B 98 -7.94 -14.15 -10.18
N LEU B 99 -7.14 -13.58 -9.28
CA LEU B 99 -5.90 -12.92 -9.69
C LEU B 99 -4.96 -13.92 -10.37
N TYR B 100 -4.90 -15.14 -9.84
CA TYR B 100 -4.09 -16.17 -10.47
C TYR B 100 -4.59 -16.49 -11.87
N GLU B 101 -5.90 -16.77 -12.01
CA GLU B 101 -6.43 -17.14 -13.33
C GLU B 101 -6.22 -16.03 -14.34
N ASP B 102 -6.31 -14.77 -13.90
CA ASP B 102 -6.20 -13.64 -14.81
C ASP B 102 -4.76 -13.30 -15.17
N ASN B 103 -3.79 -13.59 -14.29
CA ASN B 103 -2.42 -13.10 -14.48
C ASN B 103 -1.30 -14.16 -14.44
N HIS B 104 -1.61 -15.41 -14.17
CA HIS B 104 -0.53 -16.39 -14.11
C HIS B 104 0.17 -16.49 -15.47
N GLU B 105 1.48 -16.76 -15.43
CA GLU B 105 2.27 -16.86 -16.63
C GLU B 105 2.20 -18.27 -17.20
N GLU B 106 2.89 -18.50 -18.33
CA GLU B 106 2.78 -19.77 -19.06
C GLU B 106 3.34 -20.95 -18.27
N ASP B 107 4.08 -20.70 -17.20
CA ASP B 107 4.61 -21.75 -16.30
C ASP B 107 3.65 -22.07 -15.17
N TYR B 108 2.43 -21.53 -15.22
CA TYR B 108 1.37 -21.75 -14.19
C TYR B 108 1.73 -21.15 -12.83
N PHE B 109 2.63 -20.17 -12.76
CA PHE B 109 2.93 -19.45 -11.54
C PHE B 109 2.35 -18.04 -11.61
N LEU B 110 1.89 -17.54 -10.48
CA LEU B 110 1.57 -16.12 -10.32
C LEU B 110 2.76 -15.42 -9.68
N TYR B 111 3.19 -14.31 -10.28
CA TYR B 111 4.40 -13.62 -9.86
C TYR B 111 4.02 -12.31 -9.15
N VAL B 112 4.42 -12.20 -7.89
CA VAL B 112 4.14 -11.02 -7.07
C VAL B 112 5.47 -10.41 -6.64
N ALA B 113 5.68 -9.15 -7.01
CA ALA B 113 6.81 -8.38 -6.52
C ALA B 113 6.35 -7.50 -5.36
N TYR B 114 7.29 -7.15 -4.48
CA TYR B 114 6.96 -6.29 -3.35
C TYR B 114 8.06 -5.27 -3.14
N SER B 115 7.67 -4.11 -2.62
CA SER B 115 8.56 -2.96 -2.47
C SER B 115 8.17 -2.19 -1.22
N ASP B 116 9.10 -1.36 -0.72
CA ASP B 116 8.72 -0.31 0.23
C ASP B 116 7.99 0.83 -0.46
N GLU B 117 8.11 0.94 -1.77
CA GLU B 117 7.59 2.08 -2.51
C GLU B 117 6.35 1.67 -3.30
N SER B 118 5.49 2.66 -3.53
CA SER B 118 4.15 2.62 -4.18
C SER B 118 4.25 2.42 -5.69
N VAL B 119 5.43 2.67 -6.24
CA VAL B 119 5.75 2.53 -7.69
C VAL B 119 6.83 1.45 -7.86
N TYR B 120 6.53 0.46 -8.68
CA TYR B 120 7.45 -0.67 -8.96
C TYR B 120 8.82 -0.14 -9.40
N GLY B 121 9.87 -0.52 -8.70
CA GLY B 121 11.20 -0.05 -9.12
C GLY B 121 11.53 1.36 -8.66
N LYS B 122 10.66 2.03 -7.87
CA LYS B 122 10.86 3.36 -7.25
C LYS B 122 10.39 4.46 -8.17
N SER C 7 -10.55 21.85 16.03
CA SER C 7 -9.13 22.08 16.38
C SER C 7 -8.23 21.02 15.74
N TRP C 8 -6.98 21.41 15.58
CA TRP C 8 -5.95 20.63 14.86
C TRP C 8 -5.34 19.57 15.75
N ILE C 9 -4.97 18.44 15.15
CA ILE C 9 -4.26 17.36 15.88
C ILE C 9 -2.80 17.41 15.48
N LEU C 10 -1.92 17.51 16.43
CA LEU C 10 -0.49 17.58 16.15
C LEU C 10 0.10 16.17 16.19
N LEU C 11 0.50 15.69 15.02
CA LEU C 11 1.14 14.40 14.90
C LEU C 11 2.61 14.51 15.29
N ASN C 12 3.06 13.61 16.17
CA ASN C 12 4.46 13.50 16.60
C ASN C 12 5.15 14.85 16.83
N GLU D 5 8.31 -29.68 -1.41
CA GLU D 5 7.47 -29.16 -0.34
C GLU D 5 8.27 -28.26 0.58
N THR D 6 9.44 -28.77 0.95
CA THR D 6 10.38 -28.02 1.84
C THR D 6 10.63 -26.64 1.27
N SER D 7 10.71 -26.52 -0.05
CA SER D 7 10.91 -25.22 -0.67
C SER D 7 9.63 -24.39 -0.71
N TRP D 8 8.49 -24.97 -0.36
CA TRP D 8 7.22 -24.28 -0.40
C TRP D 8 6.78 -23.86 1.00
N ILE D 9 5.94 -22.83 1.04
CA ILE D 9 5.24 -22.43 2.26
C ILE D 9 3.75 -22.51 1.97
N LEU D 10 3.02 -23.23 2.82
CA LEU D 10 1.58 -23.37 2.65
C LEU D 10 0.90 -22.37 3.58
N LEU D 11 0.46 -21.26 2.99
CA LEU D 11 -0.29 -20.27 3.74
C LEU D 11 -1.71 -20.79 4.03
N ASN D 12 -2.23 -20.45 5.20
CA ASN D 12 -3.54 -20.91 5.59
C ASN D 12 -4.41 -19.78 6.16
#